data_3T9O
#
_entry.id   3T9O
#
_cell.length_a   121.460
_cell.length_b   60.260
_cell.length_c   38.460
_cell.angle_alpha   90.000
_cell.angle_beta   99.040
_cell.angle_gamma   90.000
#
_symmetry.space_group_name_H-M   'C 1 2 1'
#
loop_
_entity.id
_entity.type
_entity.pdbx_description
1 polymer 'Diguanylate cyclase DgcZ'
2 non-polymer 'ZINC ION'
3 water water
#
_entity_poly.entity_id   1
_entity_poly.type   'polypeptide(L)'
_entity_poly.pdbx_seq_one_letter_code
;MAIKKTTEIDAILLNLNKAIDAHYQWLVSMFHSVVARDASKPEITDNHSYGLCQFGRWIDHLGPLDNDELPYVRLMDSAH
QHMHNCGRELMLAIVENHWQDAHFDAFQEGLLSFTAALTDYKIYLLTLEHHHHHH
;
_entity_poly.pdbx_strand_id   A,B
#
loop_
_chem_comp.id
_chem_comp.type
_chem_comp.name
_chem_comp.formula
ZN non-polymer 'ZINC ION' 'Zn 2'
#
# COMPACT_ATOMS: atom_id res chain seq x y z
N THR A 6 20.92 -8.31 16.54
CA THR A 6 20.24 -8.96 15.38
C THR A 6 18.80 -9.37 15.71
N THR A 7 18.60 -9.95 16.90
CA THR A 7 17.24 -10.33 17.31
C THR A 7 16.36 -9.08 17.45
N GLU A 8 16.86 -8.07 18.16
CA GLU A 8 16.18 -6.77 18.29
C GLU A 8 15.94 -6.11 16.93
N ILE A 9 16.95 -6.14 16.07
CA ILE A 9 16.87 -5.53 14.74
C ILE A 9 15.78 -6.21 13.89
N ASP A 10 15.74 -7.54 13.94
CA ASP A 10 14.71 -8.31 13.23
C ASP A 10 13.31 -8.08 13.80
N ALA A 11 13.23 -7.81 15.10
CA ALA A 11 11.96 -7.48 15.77
C ALA A 11 11.37 -6.18 15.21
N ILE A 12 12.20 -5.13 15.19
CA ILE A 12 11.81 -3.82 14.67
C ILE A 12 11.33 -3.94 13.21
N LEU A 13 12.12 -4.60 12.37
CA LEU A 13 11.81 -4.70 10.93
C LEU A 13 10.47 -5.40 10.66
N LEU A 14 10.14 -6.38 11.51
CA LEU A 14 8.87 -7.07 11.40
C LEU A 14 7.71 -6.11 11.65
N ASN A 15 7.83 -5.28 12.69
CA ASN A 15 6.81 -4.27 13.03
C ASN A 15 6.60 -3.19 11.93
N LEU A 16 7.65 -2.86 11.20
CA LEU A 16 7.56 -1.91 10.09
C LEU A 16 6.78 -2.48 8.88
N ASN A 17 7.01 -3.74 8.51
CA ASN A 17 6.21 -4.44 7.47
C ASN A 17 4.76 -4.67 7.84
N LYS A 18 4.47 -4.87 9.11
CA LYS A 18 3.09 -4.96 9.56
C LYS A 18 2.35 -3.63 9.39
N ALA A 19 3.04 -2.52 9.61
CA ALA A 19 2.46 -1.17 9.40
C ALA A 19 2.00 -0.91 7.95
N ILE A 20 2.69 -1.48 6.97
CA ILE A 20 2.33 -1.33 5.56
C ILE A 20 0.97 -2.03 5.28
N ASP A 21 0.84 -3.28 5.71
CA ASP A 21 -0.44 -4.02 5.56
C ASP A 21 -1.59 -3.37 6.33
N ALA A 22 -1.33 -2.96 7.58
CA ALA A 22 -2.37 -2.35 8.43
C ALA A 22 -2.90 -1.04 7.85
N HIS A 23 -2.03 -0.24 7.23
CA HIS A 23 -2.48 1.01 6.64
C HIS A 23 -3.17 0.87 5.24
N TYR A 24 -2.86 -0.20 4.51
CA TYR A 24 -3.70 -0.60 3.38
C TYR A 24 -5.17 -0.93 3.80
N GLN A 25 -5.32 -1.75 4.86
CA GLN A 25 -6.65 -2.12 5.42
C GLN A 25 -7.42 -0.88 5.92
N TRP A 26 -6.71 0.06 6.55
CA TRP A 26 -7.30 1.33 6.99
C TRP A 26 -7.83 2.14 5.80
N LEU A 27 -7.08 2.17 4.69
CA LEU A 27 -7.54 2.88 3.49
C LEU A 27 -8.77 2.20 2.85
N VAL A 28 -8.79 0.86 2.81
CA VAL A 28 -10.00 0.14 2.39
C VAL A 28 -11.23 0.42 3.25
N SER A 29 -11.06 0.48 4.58
CA SER A 29 -12.19 0.78 5.50
C SER A 29 -12.77 2.17 5.26
N MET A 30 -11.92 3.18 5.10
CA MET A 30 -12.35 4.55 4.77
C MET A 30 -13.18 4.57 3.47
N PHE A 31 -12.68 3.93 2.43
CA PHE A 31 -13.38 3.80 1.15
C PHE A 31 -14.75 3.09 1.35
N HIS A 32 -14.73 1.92 2.01
CA HIS A 32 -15.96 1.16 2.33
C HIS A 32 -17.01 2.01 3.08
N SER A 33 -16.63 2.72 4.14
CA SER A 33 -17.61 3.49 4.92
C SER A 33 -18.27 4.63 4.14
N VAL A 34 -17.53 5.24 3.21
CA VAL A 34 -18.10 6.29 2.33
C VAL A 34 -19.13 5.71 1.37
N VAL A 35 -18.78 4.59 0.73
CA VAL A 35 -19.70 3.93 -0.21
C VAL A 35 -20.95 3.38 0.48
N ALA A 36 -20.78 2.83 1.70
CA ALA A 36 -21.92 2.32 2.49
C ALA A 36 -22.72 3.42 3.17
N ARG A 37 -22.10 4.58 3.33
CA ARG A 37 -22.67 5.73 4.07
C ARG A 37 -22.97 5.44 5.55
N ASP A 38 -22.05 4.71 6.17
CA ASP A 38 -22.06 4.43 7.62
C ASP A 38 -21.73 5.69 8.38
N CYS A 53 -4.26 3.08 16.34
CA CYS A 53 -3.86 1.96 15.51
C CYS A 53 -2.57 1.31 16.10
N GLN A 54 -2.24 0.09 15.68
CA GLN A 54 -1.14 -0.71 16.27
C GLN A 54 0.22 0.01 16.21
N PHE A 55 0.51 0.66 15.09
CA PHE A 55 1.77 1.37 14.90
C PHE A 55 1.98 2.54 15.87
N GLY A 56 0.93 3.32 16.09
CA GLY A 56 1.00 4.46 17.02
C GLY A 56 1.23 4.06 18.48
N ARG A 57 0.70 2.90 18.87
CA ARG A 57 0.94 2.37 20.21
C ARG A 57 2.39 1.86 20.34
N TRP A 58 2.88 1.23 19.26
CA TRP A 58 4.27 0.75 19.16
C TRP A 58 5.33 1.88 19.19
N ILE A 59 5.06 3.01 18.54
CA ILE A 59 5.97 4.16 18.61
C ILE A 59 6.19 4.66 20.06
N ASP A 60 5.11 4.84 20.81
CA ASP A 60 5.21 5.21 22.24
C ASP A 60 6.04 4.20 23.05
N HIS A 61 5.92 2.91 22.72
CA HIS A 61 6.55 1.83 23.50
C HIS A 61 7.98 1.47 23.13
N LEU A 62 8.70 2.38 22.45
CA LEU A 62 10.11 2.14 22.11
C LEU A 62 11.06 2.41 23.27
N GLY A 63 10.59 3.03 24.35
CA GLY A 63 11.42 3.31 25.52
C GLY A 63 12.39 4.46 25.27
N PRO A 64 13.25 4.77 26.25
CA PRO A 64 14.33 5.75 26.04
C PRO A 64 15.25 5.39 24.86
N LEU A 65 15.51 6.38 24.00
CA LEU A 65 16.26 6.24 22.73
C LEU A 65 17.62 6.92 22.84
N ASP A 66 18.63 6.33 22.20
CA ASP A 66 19.94 6.98 22.08
C ASP A 66 19.94 8.06 20.99
N ASN A 67 20.96 8.93 21.04
CA ASN A 67 21.04 10.09 20.14
C ASN A 67 21.15 9.79 18.65
N ASP A 68 21.68 8.62 18.29
CA ASP A 68 21.82 8.26 16.87
C ASP A 68 20.48 7.92 16.21
N GLU A 69 19.63 7.15 16.90
CA GLU A 69 18.36 6.71 16.33
C GLU A 69 17.23 7.76 16.45
N LEU A 70 17.39 8.69 17.39
CA LEU A 70 16.35 9.68 17.72
C LEU A 70 15.72 10.40 16.51
N PRO A 71 16.56 10.93 15.61
CA PRO A 71 16.03 11.67 14.47
C PRO A 71 15.16 10.85 13.52
N TYR A 72 15.52 9.59 13.31
CA TYR A 72 14.70 8.65 12.54
C TYR A 72 13.33 8.39 13.16
N VAL A 73 13.32 8.13 14.47
CA VAL A 73 12.06 7.86 15.18
C VAL A 73 11.16 9.10 15.21
N ARG A 74 11.74 10.26 15.46
CA ARG A 74 10.97 11.53 15.46
C ARG A 74 10.31 11.81 14.11
N LEU A 75 11.01 11.51 13.01
CA LEU A 75 10.48 11.73 11.66
C LEU A 75 9.30 10.78 11.36
N MET A 76 9.44 9.50 11.65
CA MET A 76 8.27 8.62 11.41
C MET A 76 7.08 8.92 12.32
N ASP A 77 7.32 9.32 13.56
CA ASP A 77 6.22 9.71 14.47
C ASP A 77 5.44 10.90 13.91
N SER A 78 6.17 11.94 13.52
CA SER A 78 5.58 13.15 12.92
C SER A 78 4.82 12.87 11.60
N ALA A 79 5.43 12.09 10.70
CA ALA A 79 4.79 11.76 9.43
C ALA A 79 3.52 10.88 9.59
N HIS A 80 3.57 9.93 10.54
CA HIS A 80 2.40 9.09 10.90
C HIS A 80 1.20 9.94 11.38
N GLN A 81 1.50 10.89 12.28
CA GLN A 81 0.48 11.80 12.82
C GLN A 81 -0.15 12.64 11.71
N HIS A 82 0.68 13.28 10.89
CA HIS A 82 0.14 14.13 9.80
C HIS A 82 -0.69 13.31 8.75
N MET A 83 -0.31 12.06 8.46
CA MET A 83 -1.12 11.16 7.58
C MET A 83 -2.55 10.92 8.16
N HIS A 84 -2.64 10.59 9.44
CA HIS A 84 -3.94 10.42 10.12
C HIS A 84 -4.77 11.70 10.13
N ASN A 85 -4.12 12.84 10.32
CA ASN A 85 -4.82 14.14 10.35
C ASN A 85 -5.40 14.50 8.98
N CYS A 86 -4.64 14.28 7.92
CA CYS A 86 -5.15 14.46 6.55
C CYS A 86 -6.31 13.49 6.23
N GLY A 87 -6.22 12.25 6.70
CA GLY A 87 -7.30 11.26 6.51
C GLY A 87 -8.62 11.72 7.18
N ARG A 88 -8.52 12.14 8.43
CA ARG A 88 -9.68 12.66 9.21
C ARG A 88 -10.34 13.85 8.50
N GLU A 89 -9.54 14.81 8.05
CA GLU A 89 -10.03 15.99 7.33
C GLU A 89 -10.69 15.67 5.98
N LEU A 90 -10.11 14.72 5.24
CA LEU A 90 -10.71 14.22 4.00
C LEU A 90 -12.11 13.65 4.26
N MET A 91 -12.23 12.79 5.28
CA MET A 91 -13.51 12.15 5.60
C MET A 91 -14.59 13.15 6.06
N LEU A 92 -14.20 14.15 6.84
CA LEU A 92 -15.15 15.16 7.31
C LEU A 92 -15.69 16.02 6.14
N ALA A 93 -14.78 16.39 5.23
CA ALA A 93 -15.14 17.14 4.02
C ALA A 93 -16.08 16.36 3.08
N ILE A 94 -15.81 15.07 2.89
CA ILE A 94 -16.67 14.21 2.05
C ILE A 94 -18.10 14.14 2.64
N VAL A 95 -18.17 13.79 3.92
CA VAL A 95 -19.45 13.63 4.64
C VAL A 95 -20.27 14.92 4.64
N GLU A 96 -19.60 16.07 4.77
CA GLU A 96 -20.25 17.40 4.82
C GLU A 96 -20.40 18.09 3.45
N ASN A 97 -20.00 17.41 2.37
CA ASN A 97 -20.19 17.91 1.00
C ASN A 97 -19.47 19.22 0.65
N HIS A 98 -18.25 19.39 1.15
CA HIS A 98 -17.37 20.45 0.65
C HIS A 98 -15.95 19.93 0.41
N TRP A 99 -15.84 18.70 -0.08
CA TRP A 99 -14.56 18.14 -0.49
C TRP A 99 -14.05 18.80 -1.80
N GLN A 100 -12.73 18.78 -1.97
CA GLN A 100 -12.04 19.29 -3.16
C GLN A 100 -10.92 18.31 -3.51
N ASP A 101 -10.48 18.36 -4.77
CA ASP A 101 -9.36 17.55 -5.24
C ASP A 101 -8.12 17.72 -4.33
N ALA A 102 -7.91 18.93 -3.82
CA ALA A 102 -6.80 19.22 -2.90
C ALA A 102 -6.79 18.37 -1.63
N HIS A 103 -7.96 18.00 -1.10
CA HIS A 103 -8.02 17.10 0.07
C HIS A 103 -7.42 15.72 -0.25
N PHE A 104 -7.72 15.19 -1.43
CA PHE A 104 -7.16 13.91 -1.90
C PHE A 104 -5.65 13.98 -2.16
N ASP A 105 -5.17 15.11 -2.71
CA ASP A 105 -3.72 15.31 -2.99
C ASP A 105 -2.90 15.40 -1.70
N ALA A 106 -3.38 16.21 -0.76
CA ALA A 106 -2.77 16.32 0.58
C ALA A 106 -2.68 14.96 1.30
N PHE A 107 -3.74 14.15 1.22
CA PHE A 107 -3.73 12.80 1.82
C PHE A 107 -2.71 11.87 1.14
N GLN A 108 -2.68 11.87 -0.18
CA GLN A 108 -1.72 11.02 -0.91
C GLN A 108 -0.27 11.40 -0.56
N GLU A 109 0.01 12.71 -0.48
CA GLU A 109 1.35 13.23 -0.10
C GLU A 109 1.73 12.85 1.33
N GLY A 110 0.77 12.94 2.25
CA GLY A 110 1.00 12.50 3.63
C GLY A 110 1.34 11.02 3.70
N LEU A 111 0.62 10.24 2.92
CA LEU A 111 0.80 8.80 2.85
C LEU A 111 2.20 8.45 2.36
N LEU A 112 2.65 9.10 1.28
CA LEU A 112 3.99 8.85 0.73
C LEU A 112 5.14 9.33 1.61
N SER A 113 4.94 10.41 2.35
CA SER A 113 5.92 10.85 3.36
C SER A 113 6.11 9.83 4.50
N PHE A 114 5.02 9.22 4.94
CA PHE A 114 5.07 8.14 5.95
C PHE A 114 5.89 6.93 5.48
N THR A 115 5.60 6.43 4.28
CA THR A 115 6.32 5.25 3.76
C THR A 115 7.81 5.58 3.54
N ALA A 116 8.10 6.82 3.11
CA ALA A 116 9.48 7.31 3.00
C ALA A 116 10.21 7.32 4.34
N ALA A 117 9.57 7.85 5.38
CA ALA A 117 10.18 7.85 6.73
C ALA A 117 10.48 6.43 7.24
N LEU A 118 9.56 5.49 6.99
CA LEU A 118 9.78 4.07 7.36
C LEU A 118 10.99 3.46 6.64
N THR A 119 11.08 3.72 5.33
CA THR A 119 12.17 3.20 4.51
C THR A 119 13.54 3.72 4.99
N ASP A 120 13.60 5.02 5.32
CA ASP A 120 14.86 5.63 5.78
C ASP A 120 15.39 5.02 7.11
N TYR A 121 14.48 4.69 8.01
CA TYR A 121 14.82 4.02 9.25
C TYR A 121 15.30 2.57 8.99
N LYS A 122 14.61 1.90 8.08
CA LYS A 122 14.99 0.54 7.62
C LYS A 122 16.46 0.49 7.16
N ILE A 123 16.81 1.39 6.25
CA ILE A 123 18.16 1.50 5.69
C ILE A 123 19.22 1.73 6.79
N TYR A 124 18.94 2.64 7.72
CA TYR A 124 19.84 2.88 8.87
C TYR A 124 20.09 1.63 9.73
N LEU A 125 19.03 0.89 10.03
CA LEU A 125 19.14 -0.31 10.87
C LEU A 125 19.95 -1.41 10.18
N LEU A 126 19.76 -1.57 8.88
CA LEU A 126 20.43 -2.60 8.10
C LEU A 126 21.95 -2.40 7.97
N THR A 127 22.43 -1.18 8.23
CA THR A 127 23.86 -0.89 8.18
C THR A 127 24.44 -0.76 9.58
N GLU B 8 22.74 -6.39 -8.83
CA GLU B 8 21.47 -6.97 -9.33
C GLU B 8 20.43 -7.14 -8.22
N ILE B 9 20.89 -7.67 -7.07
CA ILE B 9 20.01 -7.91 -5.92
C ILE B 9 19.42 -6.60 -5.40
N ASP B 10 20.25 -5.56 -5.30
CA ASP B 10 19.80 -4.24 -4.86
C ASP B 10 18.86 -3.58 -5.88
N ALA B 11 19.06 -3.90 -7.16
CA ALA B 11 18.18 -3.42 -8.23
C ALA B 11 16.75 -3.96 -8.07
N ILE B 12 16.65 -5.28 -7.91
CA ILE B 12 15.38 -5.95 -7.71
C ILE B 12 14.64 -5.39 -6.48
N LEU B 13 15.34 -5.29 -5.36
CA LEU B 13 14.71 -4.83 -4.10
C LEU B 13 14.15 -3.41 -4.21
N LEU B 14 14.81 -2.57 -4.99
CA LEU B 14 14.35 -1.20 -5.20
C LEU B 14 12.99 -1.23 -5.93
N ASN B 15 12.89 -2.06 -6.96
CA ASN B 15 11.66 -2.21 -7.73
C ASN B 15 10.46 -2.76 -6.92
N LEU B 16 10.73 -3.59 -5.93
CA LEU B 16 9.70 -4.12 -5.03
C LEU B 16 9.14 -3.06 -4.11
N ASN B 17 10.04 -2.23 -3.57
CA ASN B 17 9.62 -1.12 -2.70
C ASN B 17 8.83 -0.05 -3.46
N LYS B 18 9.15 0.19 -4.74
CA LYS B 18 8.38 1.11 -5.59
C LYS B 18 6.94 0.61 -5.84
N ALA B 19 6.78 -0.70 -5.97
CA ALA B 19 5.45 -1.32 -6.12
C ALA B 19 4.49 -1.05 -4.94
N ILE B 20 5.03 -0.95 -3.73
CA ILE B 20 4.22 -0.65 -2.55
C ILE B 20 3.63 0.76 -2.66
N ASP B 21 4.47 1.76 -2.96
CA ASP B 21 4.02 3.16 -3.12
C ASP B 21 3.04 3.29 -4.28
N ALA B 22 3.37 2.66 -5.41
CA ALA B 22 2.54 2.77 -6.64
C ALA B 22 1.15 2.20 -6.42
N HIS B 23 1.04 1.11 -5.66
CA HIS B 23 -0.28 0.53 -5.40
C HIS B 23 -1.11 1.25 -4.32
N TYR B 24 -0.45 1.95 -3.39
CA TYR B 24 -1.16 2.93 -2.54
C TYR B 24 -1.83 4.05 -3.38
N GLN B 25 -1.09 4.60 -4.33
CA GLN B 25 -1.60 5.63 -5.21
C GLN B 25 -2.72 5.13 -6.12
N TRP B 26 -2.55 3.93 -6.67
CA TRP B 26 -3.64 3.23 -7.37
C TRP B 26 -4.95 3.15 -6.56
N LEU B 27 -4.86 2.80 -5.28
CA LEU B 27 -6.03 2.69 -4.42
C LEU B 27 -6.68 4.06 -4.14
N VAL B 28 -5.86 5.07 -3.83
CA VAL B 28 -6.37 6.44 -3.66
C VAL B 28 -7.08 6.92 -4.93
N SER B 29 -6.52 6.55 -6.09
CA SER B 29 -7.16 6.91 -7.35
C SER B 29 -8.57 6.29 -7.52
N MET B 30 -8.76 5.03 -7.13
CA MET B 30 -10.10 4.39 -7.19
C MET B 30 -11.13 5.10 -6.28
N PHE B 31 -10.72 5.41 -5.06
CA PHE B 31 -11.54 6.07 -4.04
C PHE B 31 -11.94 7.46 -4.57
N HIS B 32 -10.95 8.21 -5.07
CA HIS B 32 -11.15 9.52 -5.70
C HIS B 32 -12.15 9.46 -6.86
N SER B 33 -12.01 8.48 -7.75
CA SER B 33 -12.89 8.45 -8.93
C SER B 33 -14.37 8.10 -8.60
N VAL B 34 -14.63 7.29 -7.56
CA VAL B 34 -16.02 7.04 -7.11
C VAL B 34 -16.66 8.32 -6.53
N VAL B 35 -15.93 9.04 -5.68
CA VAL B 35 -16.45 10.26 -5.03
C VAL B 35 -16.68 11.40 -6.04
N ALA B 36 -15.79 11.53 -7.02
CA ALA B 36 -15.94 12.59 -8.04
C ALA B 36 -16.85 12.17 -9.19
N ARG B 37 -17.10 10.87 -9.29
CA ARG B 37 -17.96 10.28 -10.32
C ARG B 37 -17.32 10.35 -11.71
N ASP B 38 -16.04 10.01 -11.74
CA ASP B 38 -15.18 9.99 -12.93
C ASP B 38 -15.31 8.72 -13.75
N ALA B 39 -14.63 8.70 -14.89
CA ALA B 39 -14.47 7.50 -15.72
C ALA B 39 -13.20 6.70 -15.36
N SER B 40 -12.54 7.05 -14.25
CA SER B 40 -11.25 6.46 -13.82
C SER B 40 -10.24 6.29 -14.98
N LYS B 41 -9.26 5.41 -14.82
CA LYS B 41 -8.21 5.25 -15.81
C LYS B 41 -8.02 3.78 -16.16
N PRO B 42 -7.46 3.50 -17.36
CA PRO B 42 -7.20 2.13 -17.82
C PRO B 42 -6.49 1.21 -16.80
N GLU B 43 -5.59 1.78 -16.00
CA GLU B 43 -4.88 1.03 -14.96
C GLU B 43 -5.83 0.46 -13.91
N ILE B 44 -7.01 1.09 -13.75
CA ILE B 44 -8.11 0.57 -12.94
C ILE B 44 -9.12 -0.29 -13.74
N THR B 45 -9.62 0.23 -14.86
CA THR B 45 -10.77 -0.36 -15.59
C THR B 45 -10.51 -1.41 -16.71
N ASP B 46 -9.33 -1.38 -17.34
CA ASP B 46 -8.99 -2.33 -18.44
C ASP B 46 -9.10 -3.81 -18.01
N ASN B 47 -9.63 -4.67 -18.88
CA ASN B 47 -9.79 -6.10 -18.54
C ASN B 47 -8.43 -6.78 -18.27
N HIS B 48 -7.36 -6.20 -18.83
CA HIS B 48 -5.98 -6.63 -18.55
C HIS B 48 -5.16 -5.47 -17.96
N SER B 49 -5.70 -4.86 -16.91
CA SER B 49 -5.06 -3.67 -16.28
C SER B 49 -3.72 -3.97 -15.62
N TYR B 50 -3.52 -5.23 -15.25
CA TYR B 50 -2.25 -5.68 -14.65
C TYR B 50 -1.04 -5.56 -15.57
N GLY B 51 -1.27 -5.45 -16.88
CA GLY B 51 -0.19 -5.24 -17.83
C GLY B 51 0.27 -3.79 -17.98
N LEU B 52 -0.50 -2.85 -17.42
CA LEU B 52 -0.33 -1.41 -17.70
C LEU B 52 0.44 -0.63 -16.63
N CYS B 53 0.48 -1.14 -15.41
CA CYS B 53 1.16 -0.46 -14.35
C CYS B 53 2.66 -0.75 -14.46
N GLN B 54 3.46 -0.01 -13.71
CA GLN B 54 4.91 -0.19 -13.77
C GLN B 54 5.38 -1.61 -13.37
N PHE B 55 4.80 -2.16 -12.32
CA PHE B 55 5.15 -3.48 -11.81
C PHE B 55 4.87 -4.60 -12.82
N GLY B 56 3.69 -4.56 -13.45
CA GLY B 56 3.31 -5.59 -14.44
C GLY B 56 4.19 -5.60 -15.68
N ARG B 57 4.72 -4.43 -16.06
CA ARG B 57 5.64 -4.33 -17.18
C ARG B 57 7.04 -4.88 -16.82
N TRP B 58 7.55 -4.51 -15.66
CA TRP B 58 8.77 -5.15 -15.17
C TRP B 58 8.62 -6.69 -15.22
N ILE B 59 7.52 -7.22 -14.68
CA ILE B 59 7.28 -8.67 -14.62
C ILE B 59 7.28 -9.33 -16.00
N ASP B 60 6.53 -8.76 -16.95
CA ASP B 60 6.42 -9.34 -18.31
C ASP B 60 7.72 -9.38 -19.11
N HIS B 61 8.78 -8.71 -18.64
CA HIS B 61 10.02 -8.60 -19.41
C HIS B 61 11.26 -9.17 -18.73
N LEU B 62 11.06 -9.84 -17.60
CA LEU B 62 12.16 -10.43 -16.82
C LEU B 62 13.12 -11.30 -17.64
N GLY B 63 12.59 -12.26 -18.37
CA GLY B 63 13.44 -13.10 -19.23
C GLY B 63 13.76 -14.48 -18.65
N PRO B 64 14.89 -15.08 -19.09
CA PRO B 64 15.24 -16.44 -18.64
C PRO B 64 15.41 -16.53 -17.12
N LEU B 65 14.47 -17.20 -16.45
CA LEU B 65 14.62 -17.41 -15.02
C LEU B 65 15.16 -18.82 -14.76
N ASP B 66 16.04 -18.94 -13.78
CA ASP B 66 16.50 -20.26 -13.34
C ASP B 66 15.47 -20.95 -12.43
N ASN B 67 15.61 -22.27 -12.28
CA ASN B 67 14.64 -23.08 -11.55
C ASN B 67 14.43 -22.74 -10.07
N ASP B 68 15.43 -22.15 -9.42
CA ASP B 68 15.31 -21.79 -8.00
C ASP B 68 14.38 -20.58 -7.75
N GLU B 69 14.50 -19.55 -8.59
CA GLU B 69 13.71 -18.32 -8.43
C GLU B 69 12.30 -18.39 -9.05
N LEU B 70 12.11 -19.32 -10.00
CA LEU B 70 10.86 -19.45 -10.75
C LEU B 70 9.59 -19.44 -9.91
N PRO B 71 9.53 -20.27 -8.85
CA PRO B 71 8.31 -20.37 -8.04
C PRO B 71 7.92 -19.06 -7.34
N TYR B 72 8.92 -18.32 -6.87
CA TYR B 72 8.70 -16.97 -6.30
C TYR B 72 8.12 -15.98 -7.29
N VAL B 73 8.70 -15.94 -8.49
CA VAL B 73 8.22 -15.03 -9.54
C VAL B 73 6.80 -15.39 -10.01
N ARG B 74 6.55 -16.68 -10.20
CA ARG B 74 5.20 -17.13 -10.59
C ARG B 74 4.12 -16.76 -9.57
N LEU B 75 4.45 -16.83 -8.28
CA LEU B 75 3.51 -16.50 -7.22
C LEU B 75 3.19 -15.01 -7.19
N MET B 76 4.20 -14.15 -7.28
CA MET B 76 3.88 -12.72 -7.31
C MET B 76 3.12 -12.29 -8.59
N ASP B 77 3.43 -12.91 -9.73
CA ASP B 77 2.72 -12.60 -11.00
C ASP B 77 1.24 -12.95 -10.86
N SER B 78 0.97 -14.15 -10.38
CA SER B 78 -0.42 -14.61 -10.16
C SER B 78 -1.20 -13.75 -9.11
N ALA B 79 -0.56 -13.43 -7.98
CA ALA B 79 -1.20 -12.60 -6.96
C ALA B 79 -1.46 -11.16 -7.42
N HIS B 80 -0.51 -10.59 -8.18
CA HIS B 80 -0.68 -9.25 -8.79
C HIS B 80 -1.89 -9.18 -9.73
N GLN B 81 -2.00 -10.18 -10.61
CA GLN B 81 -3.13 -10.30 -11.55
C GLN B 81 -4.46 -10.39 -10.82
N HIS B 82 -4.55 -11.29 -9.83
CA HIS B 82 -5.78 -11.44 -9.04
C HIS B 82 -6.21 -10.15 -8.29
N MET B 83 -5.24 -9.41 -7.75
CA MET B 83 -5.52 -8.13 -7.09
C MET B 83 -6.17 -7.11 -8.05
N HIS B 84 -5.61 -6.98 -9.25
CA HIS B 84 -6.17 -6.09 -10.29
C HIS B 84 -7.58 -6.51 -10.74
N ASN B 85 -7.81 -7.83 -10.85
CA ASN B 85 -9.11 -8.36 -11.25
C ASN B 85 -10.19 -8.08 -10.21
N CYS B 86 -9.88 -8.28 -8.92
CA CYS B 86 -10.79 -7.93 -7.84
C CYS B 86 -11.07 -6.40 -7.78
N GLY B 87 -10.06 -5.58 -8.04
CA GLY B 87 -10.24 -4.12 -8.11
C GLY B 87 -11.21 -3.68 -9.21
N ARG B 88 -11.01 -4.22 -10.40
CA ARG B 88 -11.90 -3.98 -11.56
C ARG B 88 -13.35 -4.36 -11.26
N GLU B 89 -13.56 -5.55 -10.70
CA GLU B 89 -14.91 -6.04 -10.34
C GLU B 89 -15.60 -5.21 -9.24
N LEU B 90 -14.82 -4.79 -8.25
CA LEU B 90 -15.32 -3.87 -7.21
C LEU B 90 -15.84 -2.57 -7.84
N MET B 91 -15.04 -1.98 -8.73
CA MET B 91 -15.43 -0.71 -9.36
C MET B 91 -16.66 -0.81 -10.26
N LEU B 92 -16.76 -1.92 -11.00
CA LEU B 92 -17.93 -2.14 -11.87
C LEU B 92 -19.22 -2.30 -11.04
N ALA B 93 -19.13 -3.04 -9.94
CA ALA B 93 -20.27 -3.24 -9.02
C ALA B 93 -20.72 -1.93 -8.34
N ILE B 94 -19.77 -1.11 -7.91
CA ILE B 94 -20.09 0.20 -7.31
C ILE B 94 -20.82 1.10 -8.32
N VAL B 95 -20.24 1.26 -9.50
CA VAL B 95 -20.80 2.09 -10.57
C VAL B 95 -22.21 1.65 -10.99
N GLU B 96 -22.44 0.34 -11.05
CA GLU B 96 -23.73 -0.26 -11.46
C GLU B 96 -24.72 -0.51 -10.30
N ASN B 97 -24.40 -0.02 -9.09
CA ASN B 97 -25.28 -0.15 -7.91
C ASN B 97 -25.64 -1.60 -7.56
N HIS B 98 -24.66 -2.51 -7.65
CA HIS B 98 -24.82 -3.91 -7.27
C HIS B 98 -23.72 -4.39 -6.33
N TRP B 99 -23.07 -3.47 -5.61
CA TRP B 99 -21.96 -3.83 -4.73
C TRP B 99 -22.47 -4.50 -3.43
N GLN B 100 -21.59 -5.30 -2.83
CA GLN B 100 -21.81 -5.99 -1.55
C GLN B 100 -20.52 -5.93 -0.73
N ASP B 101 -20.65 -6.09 0.58
CA ASP B 101 -19.50 -6.14 1.49
C ASP B 101 -18.45 -7.16 1.02
N ALA B 102 -18.93 -8.27 0.46
CA ALA B 102 -18.05 -9.33 -0.07
C ALA B 102 -17.08 -8.84 -1.18
N HIS B 103 -17.49 -7.87 -2.00
CA HIS B 103 -16.58 -7.29 -3.01
C HIS B 103 -15.37 -6.61 -2.35
N PHE B 104 -15.62 -5.85 -1.27
CA PHE B 104 -14.57 -5.19 -0.50
C PHE B 104 -13.65 -6.18 0.23
N ASP B 105 -14.20 -7.27 0.77
CA ASP B 105 -13.43 -8.32 1.48
C ASP B 105 -12.50 -9.07 0.52
N ALA B 106 -13.04 -9.49 -0.62
CA ALA B 106 -12.25 -10.13 -1.68
C ALA B 106 -11.08 -9.25 -2.16
N PHE B 107 -11.33 -7.95 -2.34
CA PHE B 107 -10.26 -7.01 -2.73
C PHE B 107 -9.18 -6.88 -1.65
N GLN B 108 -9.59 -6.74 -0.40
CA GLN B 108 -8.62 -6.62 0.71
C GLN B 108 -7.74 -7.88 0.80
N GLU B 109 -8.36 -9.05 0.66
CA GLU B 109 -7.63 -10.33 0.67
C GLU B 109 -6.66 -10.46 -0.50
N GLY B 110 -7.08 -10.03 -1.69
CA GLY B 110 -6.18 -10.02 -2.85
C GLY B 110 -4.98 -9.12 -2.63
N LEU B 111 -5.24 -7.97 -2.02
CA LEU B 111 -4.22 -6.99 -1.73
C LEU B 111 -3.19 -7.55 -0.76
N LEU B 112 -3.63 -8.20 0.32
CA LEU B 112 -2.70 -8.81 1.29
C LEU B 112 -1.92 -10.02 0.76
N SER B 113 -2.53 -10.80 -0.12
CA SER B 113 -1.79 -11.90 -0.80
C SER B 113 -0.64 -11.39 -1.68
N PHE B 114 -0.86 -10.28 -2.37
CA PHE B 114 0.19 -9.62 -3.17
C PHE B 114 1.38 -9.16 -2.31
N THR B 115 1.10 -8.46 -1.22
CA THR B 115 2.19 -7.97 -0.35
C THR B 115 2.96 -9.14 0.30
N ALA B 116 2.23 -10.20 0.65
CA ALA B 116 2.83 -11.45 1.14
C ALA B 116 3.77 -12.09 0.11
N ALA B 117 3.33 -12.20 -1.14
CA ALA B 117 4.18 -12.76 -2.21
C ALA B 117 5.47 -11.95 -2.43
N LEU B 118 5.35 -10.62 -2.37
CA LEU B 118 6.53 -9.74 -2.48
C LEU B 118 7.53 -9.95 -1.33
N THR B 119 7.00 -10.06 -0.11
CA THR B 119 7.83 -10.25 1.08
C THR B 119 8.60 -11.58 1.00
N ASP B 120 7.92 -12.64 0.56
CA ASP B 120 8.55 -13.97 0.47
C ASP B 120 9.74 -14.00 -0.52
N TYR B 121 9.61 -13.30 -1.64
CA TYR B 121 10.68 -13.16 -2.61
C TYR B 121 11.85 -12.34 -2.03
N LYS B 122 11.51 -11.26 -1.31
CA LYS B 122 12.50 -10.43 -0.60
C LYS B 122 13.41 -11.28 0.32
N ILE B 123 12.77 -12.08 1.17
CA ILE B 123 13.47 -12.95 2.11
C ILE B 123 14.41 -13.94 1.41
N TYR B 124 13.94 -14.56 0.32
CA TYR B 124 14.77 -15.46 -0.49
C TYR B 124 16.04 -14.79 -1.05
N LEU B 125 15.87 -13.58 -1.59
CA LEU B 125 16.98 -12.83 -2.20
C LEU B 125 18.02 -12.44 -1.16
N LEU B 126 17.57 -12.04 0.03
CA LEU B 126 18.46 -11.60 1.11
C LEU B 126 19.34 -12.71 1.69
N THR B 127 18.98 -13.97 1.45
CA THR B 127 19.76 -15.09 1.93
C THR B 127 20.55 -15.73 0.78
ZN ZN C . -1.68 4.56 11.84
ZN ZN D . -0.30 -3.27 -10.64
#